data_5U1V
#
_entry.id   5U1V
#
_cell.length_a   170.403
_cell.length_b   170.403
_cell.length_c   170.403
_cell.angle_alpha   90.00
_cell.angle_beta   90.00
_cell.angle_gamma   90.00
#
_symmetry.space_group_name_H-M   'I 21 3'
#
loop_
_entity.id
_entity.type
_entity.pdbx_description
1 polymer 'P2X purinoceptor'
2 branched 2-acetamido-2-deoxy-beta-D-glucopyranose-(1-4)-2-acetamido-2-deoxy-beta-D-glucopyranose
3 non-polymer 2-acetamido-2-deoxy-beta-D-glucopyranose
4 non-polymer "N-cyano-N'-[(1R)-1-phenylethyl]-N''-quinolin-5-ylguanidine"
#
_entity_poly.entity_id   1
_entity_poly.type   'polypeptide(L)'
_entity_poly.pdbx_seq_one_letter_code
;GSSTNYGTIKWIFHALVFSYISFALISDKRYQKKEPLISSVHTKVKGIAEVKAEILENGMKKMVSGVFDTADYTFPLQGN
SFFVMTNFIKTEGQQQGLCPDFPTARTICSSDRGCKKGRMDPQSKGIQTGRCVVYKERLKTCEVSAWCPIEEVKDAPRPA
LLNSAENFTVLIKNNIDFPGHNYTTRNILPGVNITCTFHKTQNPQCPIFRLGDIFQETGDSFSDVAIQGGIMGIEIYWDC
NLDGWFHHCRPKYSFRRLDDKTTSESLYPGYNFRYAKYYKENNVEKRTLIKVFGIRFDILVFGTGGKFNVIQLAVYIGSV
ISYFGLATVFIDILINTYSASS
;
_entity_poly.pdbx_strand_id   A
#
# COMPACT_ATOMS: atom_id res chain seq x y z
N ILE A 12 34.02 18.05 -42.18
CA ILE A 12 32.92 18.91 -41.79
C ILE A 12 31.85 18.12 -41.05
N PHE A 13 31.12 17.29 -41.81
CA PHE A 13 30.09 16.45 -41.21
C PHE A 13 30.66 15.49 -40.18
N HIS A 14 31.96 15.22 -40.24
CA HIS A 14 32.58 14.25 -39.36
C HIS A 14 32.88 14.85 -37.99
N ALA A 15 33.39 16.07 -37.95
CA ALA A 15 33.54 16.77 -36.67
C ALA A 15 32.20 16.98 -36.00
N LEU A 16 31.14 17.12 -36.81
CA LEU A 16 29.77 17.21 -36.31
C LEU A 16 29.28 15.88 -35.76
N VAL A 17 29.63 14.78 -36.42
CA VAL A 17 29.31 13.45 -35.87
C VAL A 17 30.03 13.25 -34.55
N PHE A 18 31.26 13.78 -34.44
CA PHE A 18 32.01 13.68 -33.20
C PHE A 18 31.39 14.51 -32.10
N SER A 19 31.00 15.76 -32.40
CA SER A 19 30.35 16.59 -31.40
C SER A 19 28.99 16.01 -30.99
N TYR A 20 28.28 15.36 -31.91
CA TYR A 20 27.00 14.75 -31.56
C TYR A 20 27.21 13.52 -30.69
N ILE A 21 28.22 12.70 -30.99
CA ILE A 21 28.51 11.53 -30.17
C ILE A 21 28.98 11.95 -28.80
N SER A 22 29.76 13.03 -28.72
CA SER A 22 30.16 13.59 -27.44
C SER A 22 28.95 14.12 -26.68
N PHE A 23 27.97 14.68 -27.39
CA PHE A 23 26.72 15.06 -26.74
C PHE A 23 26.01 13.83 -26.17
N ALA A 24 26.00 12.73 -26.92
CA ALA A 24 25.43 11.49 -26.41
C ALA A 24 26.19 10.97 -25.20
N LEU A 25 27.49 11.28 -25.13
CA LEU A 25 28.27 10.96 -23.93
C LEU A 25 27.83 11.80 -22.73
N ILE A 26 27.83 13.12 -22.89
CA ILE A 26 27.57 14.00 -21.74
C ILE A 26 26.13 13.84 -21.27
N SER A 27 25.19 13.71 -22.20
CA SER A 27 23.78 13.61 -21.84
C SER A 27 23.47 12.27 -21.16
N ASP A 28 23.95 11.16 -21.73
CA ASP A 28 23.71 9.85 -21.16
C ASP A 28 24.69 9.52 -20.04
N LYS A 29 25.68 10.38 -19.81
CA LYS A 29 26.59 10.26 -18.67
C LYS A 29 27.29 8.90 -18.67
N ARG A 30 27.86 8.53 -19.82
CA ARG A 30 28.54 7.26 -19.96
C ARG A 30 29.99 7.29 -19.50
N TYR A 31 30.59 8.48 -19.36
CA TYR A 31 31.86 8.58 -18.65
C TYR A 31 31.72 8.12 -17.21
N GLN A 32 30.50 8.11 -16.68
CA GLN A 32 30.22 7.72 -15.31
C GLN A 32 29.86 6.24 -15.24
N LYS A 33 29.98 5.69 -14.04
CA LYS A 33 29.54 4.34 -13.73
C LYS A 33 28.26 4.41 -12.90
N LYS A 34 27.31 3.55 -13.22
CA LYS A 34 25.99 3.52 -12.57
C LYS A 34 25.96 2.39 -11.54
N GLU A 35 25.43 2.71 -10.35
CA GLU A 35 25.39 1.76 -9.26
C GLU A 35 23.99 1.79 -8.63
N PRO A 36 23.38 0.63 -8.42
CA PRO A 36 22.04 0.60 -7.80
C PRO A 36 22.06 1.16 -6.39
N LEU A 37 20.93 1.74 -6.00
CA LEU A 37 20.77 2.39 -4.70
C LEU A 37 20.38 1.37 -3.63
N ILE A 38 20.72 1.70 -2.38
CA ILE A 38 20.32 0.92 -1.22
C ILE A 38 19.48 1.81 -0.31
N SER A 39 18.28 1.35 0.04
CA SER A 39 17.33 2.19 0.76
C SER A 39 16.81 1.51 2.01
N SER A 40 16.62 2.33 3.05
CA SER A 40 15.94 1.94 4.28
C SER A 40 14.98 3.07 4.66
N VAL A 41 13.81 2.69 5.17
CA VAL A 41 12.71 3.63 5.37
C VAL A 41 12.24 3.59 6.81
N HIS A 42 11.82 4.75 7.32
CA HIS A 42 11.26 4.90 8.66
C HIS A 42 10.15 5.93 8.61
N THR A 43 8.93 5.54 8.97
CA THR A 43 7.79 6.45 8.94
C THR A 43 7.16 6.58 10.31
N LYS A 44 6.70 7.79 10.61
CA LYS A 44 5.95 8.08 11.81
C LYS A 44 4.64 8.74 11.42
N VAL A 45 3.51 8.14 11.81
CA VAL A 45 2.19 8.63 11.47
C VAL A 45 1.64 9.42 12.64
N LYS A 46 1.16 10.62 12.37
CA LYS A 46 0.56 11.50 13.37
C LYS A 46 -0.85 11.86 12.94
N GLY A 47 -1.75 11.87 13.91
CA GLY A 47 -3.14 12.20 13.68
C GLY A 47 -4.05 11.26 14.45
N ILE A 48 -5.26 11.75 14.75
CA ILE A 48 -6.28 10.99 15.45
C ILE A 48 -7.61 11.23 14.76
N ALA A 49 -8.58 10.36 15.06
CA ALA A 49 -9.89 10.46 14.43
C ALA A 49 -10.98 10.12 15.44
N GLU A 50 -12.01 10.96 15.51
CA GLU A 50 -13.17 10.70 16.34
C GLU A 50 -14.27 10.08 15.50
N VAL A 51 -14.93 9.06 16.03
CA VAL A 51 -15.86 8.24 15.28
C VAL A 51 -17.20 8.23 15.99
N LYS A 52 -18.18 8.94 15.43
CA LYS A 52 -19.58 8.83 15.82
C LYS A 52 -20.36 8.43 14.57
N ALA A 53 -20.95 7.23 14.60
CA ALA A 53 -21.65 6.73 13.43
C ALA A 53 -22.72 5.74 13.89
N GLU A 54 -23.52 5.29 12.93
CA GLU A 54 -24.62 4.38 13.21
C GLU A 54 -24.50 3.19 12.26
N ILE A 55 -24.27 2.00 12.82
CA ILE A 55 -24.02 0.80 12.03
C ILE A 55 -25.07 -0.24 12.40
N LEU A 56 -25.57 -0.95 11.39
CA LEU A 56 -26.60 -1.96 11.59
C LEU A 56 -25.95 -3.32 11.82
N GLU A 57 -26.20 -3.90 12.99
CA GLU A 57 -25.73 -5.24 13.34
C GLU A 57 -26.94 -6.17 13.47
N ASN A 58 -27.00 -7.18 12.61
CA ASN A 58 -28.04 -8.21 12.67
C ASN A 58 -29.44 -7.59 12.59
N GLY A 59 -29.57 -6.54 11.78
CA GLY A 59 -30.82 -5.85 11.60
C GLY A 59 -31.19 -4.88 12.69
N MET A 60 -30.27 -4.56 13.61
CA MET A 60 -30.54 -3.65 14.71
C MET A 60 -29.58 -2.47 14.61
N LYS A 61 -30.11 -1.26 14.71
CA LYS A 61 -29.27 -0.07 14.67
C LYS A 61 -28.41 0.03 15.92
N LYS A 62 -27.15 0.42 15.74
CA LYS A 62 -26.22 0.56 16.85
C LYS A 62 -25.39 1.82 16.63
N MET A 63 -24.85 2.36 17.72
CA MET A 63 -24.06 3.57 17.70
C MET A 63 -22.60 3.22 17.94
N VAL A 64 -21.76 3.46 16.93
CA VAL A 64 -20.32 3.25 17.04
C VAL A 64 -19.70 4.59 17.40
N SER A 65 -19.15 4.69 18.62
CA SER A 65 -18.54 5.92 19.10
C SER A 65 -17.22 5.58 19.76
N GLY A 66 -16.16 6.24 19.33
CA GLY A 66 -14.85 6.00 19.91
C GLY A 66 -13.81 6.91 19.31
N VAL A 67 -12.75 7.13 20.09
CA VAL A 67 -11.62 7.96 19.68
C VAL A 67 -10.47 7.04 19.30
N PHE A 68 -9.90 7.27 18.13
CA PHE A 68 -8.90 6.38 17.54
C PHE A 68 -7.60 7.14 17.37
N ASP A 69 -6.57 6.70 18.09
CA ASP A 69 -5.23 7.29 18.01
C ASP A 69 -4.32 6.37 17.20
N THR A 70 -3.01 6.63 17.26
CA THR A 70 -2.06 5.91 16.42
C THR A 70 -2.11 4.41 16.68
N ALA A 71 -2.05 4.00 17.94
CA ALA A 71 -2.04 2.58 18.24
C ALA A 71 -3.36 1.89 17.86
N ASP A 72 -4.42 2.66 17.61
CA ASP A 72 -5.71 2.05 17.30
C ASP A 72 -5.88 1.76 15.82
N TYR A 73 -5.18 2.46 14.94
CA TYR A 73 -5.40 2.29 13.52
C TYR A 73 -4.14 1.98 12.70
N THR A 74 -2.97 1.87 13.32
CA THR A 74 -1.77 1.52 12.57
C THR A 74 -0.78 0.84 13.50
N PHE A 75 0.25 0.25 12.90
CA PHE A 75 1.36 -0.41 13.58
C PHE A 75 2.62 -0.21 12.74
N PRO A 76 3.82 -0.37 13.31
CA PRO A 76 5.02 0.11 12.62
C PRO A 76 5.24 -0.56 11.27
N LEU A 77 5.89 0.17 10.37
CA LEU A 77 6.08 -0.29 9.00
C LEU A 77 6.99 -1.51 8.98
N GLN A 78 6.69 -2.44 8.07
CA GLN A 78 7.54 -3.59 7.80
C GLN A 78 7.60 -3.81 6.30
N GLY A 79 8.80 -3.96 5.78
CA GLY A 79 8.95 -4.16 4.35
C GLY A 79 8.70 -2.92 3.51
N ASN A 80 9.07 -1.74 4.01
CA ASN A 80 8.94 -0.48 3.27
C ASN A 80 7.49 -0.19 2.92
N SER A 81 6.58 -0.43 3.86
CA SER A 81 5.16 -0.19 3.63
C SER A 81 4.45 -0.09 4.98
N PHE A 82 3.52 0.86 5.07
CA PHE A 82 2.72 1.06 6.28
C PHE A 82 1.24 1.09 5.92
N PHE A 83 0.41 0.78 6.91
CA PHE A 83 -1.02 0.63 6.73
C PHE A 83 -1.77 1.57 7.66
N VAL A 84 -2.87 2.13 7.17
CA VAL A 84 -3.75 3.00 7.95
C VAL A 84 -5.19 2.52 7.76
N MET A 85 -5.81 2.07 8.84
CA MET A 85 -7.19 1.61 8.76
C MET A 85 -8.11 2.81 8.54
N THR A 86 -9.15 2.62 7.71
CA THR A 86 -10.12 3.67 7.43
C THR A 86 -11.56 3.25 7.66
N ASN A 87 -11.86 1.96 7.74
CA ASN A 87 -13.22 1.47 7.95
C ASN A 87 -13.10 0.11 8.60
N PHE A 88 -14.18 -0.32 9.26
CA PHE A 88 -14.13 -1.61 9.95
C PHE A 88 -15.53 -2.13 10.22
N ILE A 89 -15.64 -3.46 10.29
CA ILE A 89 -16.86 -4.14 10.68
C ILE A 89 -16.50 -5.12 11.78
N LYS A 90 -17.08 -4.91 12.97
CA LYS A 90 -16.66 -5.64 14.16
C LYS A 90 -17.73 -6.67 14.55
N THR A 91 -17.32 -7.93 14.63
CA THR A 91 -18.18 -9.05 15.03
C THR A 91 -17.63 -9.61 16.34
N GLU A 92 -18.38 -9.46 17.43
CA GLU A 92 -17.89 -9.78 18.76
C GLU A 92 -18.55 -11.04 19.30
N GLY A 93 -17.80 -11.77 20.14
CA GLY A 93 -18.33 -12.89 20.88
C GLY A 93 -18.28 -14.23 20.21
N GLN A 94 -17.49 -14.38 19.15
CA GLN A 94 -17.42 -15.67 18.45
C GLN A 94 -16.78 -16.73 19.34
N GLN A 95 -17.42 -17.90 19.40
CA GLN A 95 -16.87 -19.05 20.11
C GLN A 95 -17.08 -20.29 19.26
N GLN A 96 -16.15 -21.23 19.38
CA GLN A 96 -16.22 -22.45 18.57
C GLN A 96 -17.51 -23.20 18.83
N GLY A 97 -18.20 -23.56 17.75
CA GLY A 97 -19.43 -24.29 17.90
C GLY A 97 -20.12 -24.52 16.57
N LEU A 98 -21.42 -24.80 16.65
CA LEU A 98 -22.26 -25.11 15.50
C LEU A 98 -23.26 -23.98 15.30
N CYS A 99 -23.37 -23.48 14.07
CA CYS A 99 -24.32 -22.41 13.79
C CYS A 99 -24.72 -22.45 12.33
N PRO A 100 -25.92 -21.98 12.00
CA PRO A 100 -26.30 -21.89 10.59
C PRO A 100 -25.53 -20.77 9.90
N ASP A 101 -25.04 -21.08 8.71
CA ASP A 101 -24.24 -20.12 7.96
C ASP A 101 -25.11 -18.93 7.55
N PHE A 102 -24.44 -17.81 7.26
CA PHE A 102 -25.16 -16.59 6.96
C PHE A 102 -25.84 -16.73 5.60
N PRO A 103 -27.06 -16.19 5.46
CA PRO A 103 -27.80 -16.40 4.20
C PRO A 103 -27.11 -15.79 2.99
N THR A 104 -26.84 -16.64 2.00
CA THR A 104 -26.26 -16.24 0.73
C THR A 104 -26.83 -17.15 -0.35
N ALA A 105 -26.70 -16.72 -1.60
CA ALA A 105 -27.15 -17.56 -2.72
C ALA A 105 -26.56 -18.96 -2.64
N ARG A 106 -25.38 -19.10 -2.06
CA ARG A 106 -24.75 -20.40 -1.94
C ARG A 106 -25.21 -21.15 -0.70
N THR A 107 -25.61 -20.43 0.36
CA THR A 107 -25.81 -21.04 1.66
C THR A 107 -27.25 -21.46 1.92
N ILE A 108 -28.23 -20.90 1.21
CA ILE A 108 -29.62 -21.26 1.47
C ILE A 108 -29.86 -22.71 1.09
N CYS A 109 -30.60 -23.42 1.93
CA CYS A 109 -30.90 -24.84 1.72
C CYS A 109 -32.39 -25.06 1.87
N SER A 110 -32.95 -25.88 0.98
CA SER A 110 -34.36 -26.24 1.06
C SER A 110 -34.59 -27.37 2.06
N SER A 111 -33.68 -28.34 2.10
CA SER A 111 -33.80 -29.48 3.00
C SER A 111 -32.40 -29.99 3.31
N ASP A 112 -32.34 -31.04 4.14
CA ASP A 112 -31.06 -31.60 4.54
C ASP A 112 -30.26 -32.15 3.38
N ARG A 113 -30.92 -32.50 2.27
CA ARG A 113 -30.19 -33.03 1.12
C ARG A 113 -29.25 -32.00 0.51
N GLY A 114 -29.49 -30.71 0.75
CA GLY A 114 -28.61 -29.69 0.21
C GLY A 114 -27.31 -29.54 0.96
N CYS A 115 -27.28 -29.93 2.23
CA CYS A 115 -26.08 -29.85 3.06
C CYS A 115 -25.42 -31.22 3.14
N LYS A 116 -24.14 -31.27 2.76
CA LYS A 116 -23.33 -32.48 2.89
C LYS A 116 -22.27 -32.25 3.95
N LYS A 117 -22.18 -33.18 4.91
CA LYS A 117 -21.24 -33.03 6.02
C LYS A 117 -19.80 -32.98 5.51
N GLY A 118 -19.02 -32.05 6.05
CA GLY A 118 -17.65 -31.89 5.67
C GLY A 118 -17.39 -30.97 4.50
N ARG A 119 -18.45 -30.40 3.91
CA ARG A 119 -18.28 -29.54 2.75
C ARG A 119 -17.66 -28.21 3.16
N MET A 120 -16.75 -27.72 2.31
CA MET A 120 -16.10 -26.43 2.51
C MET A 120 -16.31 -25.57 1.28
N ASP A 121 -16.57 -24.28 1.50
CA ASP A 121 -16.82 -23.34 0.43
C ASP A 121 -15.84 -22.18 0.51
N PRO A 122 -15.36 -21.69 -0.63
CA PRO A 122 -14.43 -20.55 -0.61
C PRO A 122 -15.00 -19.30 0.05
N GLN A 123 -16.31 -19.13 0.02
CA GLN A 123 -16.99 -18.00 0.65
C GLN A 123 -17.58 -18.33 2.01
N SER A 124 -17.41 -19.56 2.48
CA SER A 124 -17.89 -19.98 3.80
C SER A 124 -16.72 -20.12 4.76
N LYS A 125 -16.95 -19.75 6.01
CA LYS A 125 -15.91 -19.77 7.04
C LYS A 125 -16.00 -21.01 7.93
N GLY A 126 -16.79 -22.01 7.54
CA GLY A 126 -16.98 -23.17 8.38
C GLY A 126 -17.20 -24.43 7.59
N ILE A 127 -17.00 -25.56 8.26
CA ILE A 127 -17.24 -26.88 7.68
C ILE A 127 -18.67 -27.30 8.00
N GLN A 128 -19.39 -27.73 6.98
CA GLN A 128 -20.79 -28.10 7.16
C GLN A 128 -20.92 -29.37 7.98
N THR A 129 -22.04 -29.50 8.67
CA THR A 129 -22.37 -30.72 9.39
C THR A 129 -23.36 -31.60 8.63
N GLY A 130 -23.92 -31.11 7.53
CA GLY A 130 -24.84 -31.87 6.73
C GLY A 130 -26.30 -31.66 7.04
N ARG A 131 -26.64 -30.71 7.90
CA ARG A 131 -28.02 -30.46 8.28
C ARG A 131 -28.47 -29.08 7.83
N CYS A 132 -29.75 -28.99 7.46
CA CYS A 132 -30.37 -27.75 7.00
C CYS A 132 -31.22 -27.21 8.14
N VAL A 133 -30.83 -26.06 8.69
CA VAL A 133 -31.49 -25.49 9.87
C VAL A 133 -31.89 -24.06 9.57
N VAL A 134 -32.78 -23.53 10.39
CA VAL A 134 -33.30 -22.18 10.20
C VAL A 134 -32.28 -21.16 10.69
N TYR A 135 -32.21 -20.02 9.99
CA TYR A 135 -31.41 -18.88 10.43
C TYR A 135 -32.31 -17.80 11.03
N LYS A 136 -33.26 -17.31 10.25
CA LYS A 136 -34.22 -16.32 10.73
C LYS A 136 -35.57 -16.61 10.09
N GLU A 137 -36.61 -16.70 10.91
CA GLU A 137 -37.98 -16.95 10.47
C GLU A 137 -38.01 -18.29 9.76
N ARG A 138 -38.46 -18.39 8.51
CA ARG A 138 -38.47 -19.64 7.78
C ARG A 138 -37.27 -19.81 6.86
N LEU A 139 -36.45 -18.79 6.69
CA LEU A 139 -35.25 -18.91 5.86
C LEU A 139 -34.28 -19.88 6.51
N LYS A 140 -33.83 -20.88 5.76
CA LYS A 140 -32.96 -21.91 6.27
C LYS A 140 -31.63 -21.90 5.53
N THR A 141 -30.54 -22.06 6.27
CA THR A 141 -29.20 -22.21 5.71
C THR A 141 -28.59 -23.50 6.25
N CYS A 142 -27.42 -23.82 5.68
CA CYS A 142 -26.75 -25.07 6.00
C CYS A 142 -25.94 -24.89 7.29
N GLU A 143 -26.11 -25.81 8.23
CA GLU A 143 -25.43 -25.70 9.51
C GLU A 143 -23.95 -26.04 9.35
N VAL A 144 -23.10 -25.25 10.02
CA VAL A 144 -21.65 -25.36 9.90
C VAL A 144 -21.02 -25.42 11.29
N SER A 145 -19.76 -25.87 11.30
CA SER A 145 -18.93 -25.98 12.50
C SER A 145 -17.78 -25.00 12.37
N ALA A 146 -17.81 -23.92 13.16
CA ALA A 146 -16.78 -22.88 13.06
C ALA A 146 -16.96 -21.92 14.23
N TRP A 147 -16.28 -20.78 14.14
CA TRP A 147 -16.48 -19.68 15.09
C TRP A 147 -17.88 -19.13 14.92
N CYS A 148 -18.69 -19.23 15.96
CA CYS A 148 -20.11 -18.87 15.89
C CYS A 148 -20.39 -17.65 16.76
N PRO A 149 -21.25 -16.74 16.27
CA PRO A 149 -21.94 -16.82 14.98
C PRO A 149 -21.07 -16.34 13.82
N ILE A 150 -21.45 -16.71 12.59
CA ILE A 150 -20.69 -16.32 11.42
C ILE A 150 -20.85 -14.83 11.16
N GLU A 151 -19.75 -14.17 10.81
CA GLU A 151 -19.79 -12.76 10.44
C GLU A 151 -20.80 -12.53 9.32
N GLU A 152 -21.47 -11.38 9.36
CA GLU A 152 -22.45 -11.06 8.32
C GLU A 152 -21.77 -10.92 6.97
N VAL A 153 -22.53 -11.22 5.92
CA VAL A 153 -22.16 -10.83 4.57
C VAL A 153 -22.79 -9.47 4.35
N LYS A 154 -22.05 -8.41 4.75
CA LYS A 154 -22.57 -7.06 4.76
C LYS A 154 -21.52 -6.12 4.18
N ASP A 155 -21.99 -5.10 3.47
CA ASP A 155 -21.11 -4.10 2.90
C ASP A 155 -20.48 -3.26 4.00
N ALA A 156 -19.33 -2.67 3.68
CA ALA A 156 -18.68 -1.75 4.59
C ALA A 156 -19.56 -0.53 4.81
N PRO A 157 -19.42 0.14 5.96
CA PRO A 157 -20.24 1.33 6.22
C PRO A 157 -20.15 2.33 5.07
N ARG A 158 -21.30 2.91 4.71
CA ARG A 158 -21.35 3.79 3.54
C ARG A 158 -20.43 4.99 3.70
N PRO A 159 -20.43 5.72 4.81
CA PRO A 159 -19.27 6.59 5.09
C PRO A 159 -18.23 5.84 5.90
N ALA A 160 -16.96 5.92 5.47
CA ALA A 160 -15.90 5.25 6.20
C ALA A 160 -15.84 5.78 7.63
N LEU A 161 -15.87 4.85 8.60
CA LEU A 161 -15.89 5.25 10.00
C LEU A 161 -14.69 6.13 10.33
N LEU A 162 -13.53 5.83 9.77
CA LEU A 162 -12.35 6.68 9.94
C LEU A 162 -12.19 7.60 8.74
N ASN A 163 -13.24 8.39 8.45
CA ASN A 163 -13.18 9.31 7.32
C ASN A 163 -12.09 10.36 7.47
N SER A 164 -11.69 10.66 8.70
CA SER A 164 -10.72 11.72 8.97
C SER A 164 -9.32 11.30 8.56
N ALA A 165 -9.21 10.07 8.05
CA ALA A 165 -7.90 9.50 7.74
C ALA A 165 -7.15 10.32 6.71
N GLU A 166 -7.86 11.00 5.80
CA GLU A 166 -7.19 11.81 4.80
C GLU A 166 -6.42 12.96 5.42
N ASN A 167 -6.82 13.39 6.62
CA ASN A 167 -6.12 14.47 7.30
C ASN A 167 -4.89 13.98 8.07
N PHE A 168 -4.65 12.68 8.12
CA PHE A 168 -3.48 12.18 8.84
C PHE A 168 -2.20 12.61 8.11
N THR A 169 -1.11 12.57 8.86
CA THR A 169 0.19 13.02 8.38
C THR A 169 1.21 11.90 8.53
N VAL A 170 1.87 11.56 7.44
CA VAL A 170 2.93 10.56 7.46
C VAL A 170 4.26 11.28 7.28
N LEU A 171 5.22 10.97 8.15
CA LEU A 171 6.57 11.49 8.06
C LEU A 171 7.49 10.37 7.61
N ILE A 172 8.21 10.61 6.51
CA ILE A 172 9.04 9.59 5.87
C ILE A 172 10.50 10.03 5.96
N LYS A 173 11.33 9.19 6.55
CA LYS A 173 12.78 9.37 6.59
C LYS A 173 13.42 8.22 5.83
N ASN A 174 14.20 8.55 4.81
CA ASN A 174 14.79 7.56 3.91
C ASN A 174 16.31 7.71 3.92
N ASN A 175 17.00 6.61 4.18
CA ASN A 175 18.46 6.56 4.13
C ASN A 175 18.85 5.73 2.91
N ILE A 176 19.82 6.22 2.15
CA ILE A 176 20.30 5.52 0.96
C ILE A 176 21.82 5.45 1.02
N ASP A 177 22.36 4.38 0.47
CA ASP A 177 23.80 4.16 0.40
C ASP A 177 24.14 3.54 -0.93
N PHE A 178 25.30 3.93 -1.46
CA PHE A 178 25.96 3.28 -2.57
C PHE A 178 27.24 2.66 -2.06
N PRO A 179 27.33 1.32 -1.97
CA PRO A 179 28.53 0.69 -1.42
C PRO A 179 29.76 0.84 -2.31
N GLY A 180 29.60 0.58 -3.60
CA GLY A 180 30.74 0.65 -4.51
C GLY A 180 31.43 2.00 -4.51
N HIS A 181 30.64 3.08 -4.49
CA HIS A 181 31.19 4.43 -4.39
C HIS A 181 31.38 4.88 -2.95
N ASN A 182 30.90 4.09 -1.98
CA ASN A 182 31.00 4.42 -0.56
C ASN A 182 30.45 5.82 -0.30
N TYR A 183 29.16 6.00 -0.61
CA TYR A 183 28.53 7.30 -0.39
C TYR A 183 27.15 7.10 0.21
N THR A 184 26.89 7.74 1.34
CA THR A 184 25.64 7.60 2.06
C THR A 184 25.00 8.97 2.23
N THR A 185 23.68 9.02 2.08
CA THR A 185 22.94 10.25 2.34
C THR A 185 21.53 9.90 2.78
N ARG A 186 20.87 10.86 3.40
CA ARG A 186 19.54 10.65 3.97
C ARG A 186 18.53 11.56 3.28
N ASN A 187 17.25 11.20 3.43
CA ASN A 187 16.19 11.95 2.78
C ASN A 187 16.14 13.38 3.27
N ILE A 188 16.38 13.60 4.56
CA ILE A 188 16.28 14.91 5.18
C ILE A 188 17.68 15.47 5.38
N LEU A 189 17.92 16.66 4.82
CA LEU A 189 19.20 17.33 5.04
C LEU A 189 19.20 18.03 6.40
N PRO A 190 20.34 18.09 7.08
CA PRO A 190 20.37 18.67 8.42
C PRO A 190 20.11 20.17 8.38
N GLY A 191 19.30 20.64 9.35
CA GLY A 191 18.99 22.05 9.49
C GLY A 191 17.76 22.52 8.75
N VAL A 192 17.00 21.61 8.13
CA VAL A 192 15.85 21.99 7.33
C VAL A 192 14.66 22.29 8.23
N ASN A 193 13.76 23.14 7.73
CA ASN A 193 12.55 23.52 8.47
C ASN A 193 11.55 22.37 8.32
N ILE A 194 11.46 21.53 9.35
CA ILE A 194 10.65 20.32 9.25
C ILE A 194 9.17 20.66 9.23
N THR A 195 8.77 21.75 9.88
CA THR A 195 7.36 22.13 9.92
C THR A 195 6.92 22.61 8.54
N CYS A 196 6.32 21.71 7.78
CA CYS A 196 5.91 21.96 6.40
C CYS A 196 5.01 20.83 5.95
N THR A 197 4.17 21.12 4.96
CA THR A 197 3.34 20.12 4.31
C THR A 197 3.76 20.02 2.85
N PHE A 198 4.06 18.80 2.40
CA PHE A 198 4.58 18.62 1.05
C PHE A 198 3.60 19.12 0.01
N HIS A 199 4.13 19.87 -0.95
CA HIS A 199 3.38 20.35 -2.09
C HIS A 199 4.18 20.06 -3.35
N LYS A 200 3.49 19.81 -4.46
CA LYS A 200 4.16 19.47 -5.71
C LYS A 200 5.14 20.55 -6.13
N THR A 201 4.83 21.81 -5.84
CA THR A 201 5.67 22.95 -6.21
C THR A 201 6.17 23.76 -5.03
N GLN A 202 5.33 23.97 -4.00
CA GLN A 202 5.70 24.82 -2.89
C GLN A 202 6.74 24.16 -1.98
N ASN A 203 6.60 22.86 -1.72
CA ASN A 203 7.53 22.13 -0.84
C ASN A 203 7.75 20.74 -1.40
N PRO A 204 8.48 20.63 -2.52
CA PRO A 204 8.71 19.31 -3.10
C PRO A 204 9.77 18.48 -2.40
N GLN A 205 10.58 19.09 -1.53
CA GLN A 205 11.54 18.36 -0.71
C GLN A 205 11.03 18.09 0.70
N CYS A 206 9.91 18.69 1.09
CA CYS A 206 9.34 18.49 2.41
C CYS A 206 8.89 17.04 2.58
N PRO A 207 9.40 16.31 3.57
CA PRO A 207 9.01 14.89 3.72
C PRO A 207 7.63 14.68 4.30
N ILE A 208 7.07 15.67 4.99
CA ILE A 208 5.76 15.53 5.63
C ILE A 208 4.68 15.45 4.56
N PHE A 209 3.94 14.34 4.55
CA PHE A 209 2.86 14.14 3.60
C PHE A 209 1.51 14.09 4.33
N ARG A 210 0.48 14.56 3.63
CA ARG A 210 -0.90 14.40 4.05
C ARG A 210 -1.58 13.44 3.08
N LEU A 211 -2.31 12.46 3.63
CA LEU A 211 -2.84 11.38 2.80
C LEU A 211 -3.83 11.90 1.76
N GLY A 212 -4.67 12.87 2.14
CA GLY A 212 -5.59 13.46 1.18
C GLY A 212 -4.87 14.15 0.04
N ASP A 213 -3.75 14.81 0.33
CA ASP A 213 -2.92 15.40 -0.72
C ASP A 213 -2.42 14.32 -1.67
N ILE A 214 -1.91 13.22 -1.12
CA ILE A 214 -1.46 12.08 -1.92
C ILE A 214 -2.56 11.62 -2.86
N PHE A 215 -3.77 11.43 -2.32
CA PHE A 215 -4.86 10.93 -3.15
C PHE A 215 -5.31 11.96 -4.17
N GLN A 216 -5.13 13.25 -3.89
CA GLN A 216 -5.45 14.27 -4.88
C GLN A 216 -4.43 14.27 -6.02
N GLU A 217 -3.16 14.01 -5.71
CA GLU A 217 -2.14 13.99 -6.75
C GLU A 217 -2.42 12.88 -7.77
N THR A 218 -2.70 11.67 -7.27
CA THR A 218 -3.04 10.57 -8.17
C THR A 218 -4.45 10.69 -8.74
N GLY A 219 -5.25 11.63 -8.25
CA GLY A 219 -6.56 11.89 -8.81
C GLY A 219 -7.68 11.05 -8.27
N ASP A 220 -7.43 10.18 -7.29
CA ASP A 220 -8.45 9.30 -6.75
C ASP A 220 -9.00 9.89 -5.46
N SER A 221 -10.31 9.93 -5.34
CA SER A 221 -10.94 10.46 -4.13
C SER A 221 -10.61 9.59 -2.93
N PHE A 222 -10.16 10.23 -1.85
CA PHE A 222 -9.76 9.48 -0.66
C PHE A 222 -10.92 8.68 -0.07
N SER A 223 -12.10 9.30 0.04
CA SER A 223 -13.21 8.66 0.72
C SER A 223 -13.61 7.36 0.04
N ASP A 224 -13.75 7.39 -1.29
CA ASP A 224 -14.15 6.21 -2.04
C ASP A 224 -13.21 5.03 -1.75
N VAL A 225 -11.90 5.28 -1.81
CA VAL A 225 -10.94 4.22 -1.51
C VAL A 225 -11.02 3.84 -0.04
N ALA A 226 -11.35 4.79 0.83
CA ALA A 226 -11.34 4.54 2.26
C ALA A 226 -12.52 3.67 2.70
N ILE A 227 -13.59 3.65 1.92
CA ILE A 227 -14.75 2.81 2.28
C ILE A 227 -14.35 1.34 2.26
N GLN A 228 -13.66 0.89 1.22
CA GLN A 228 -13.32 -0.52 1.06
C GLN A 228 -11.81 -0.78 1.02
N GLY A 229 -10.99 0.23 1.28
CA GLY A 229 -9.56 0.05 1.32
C GLY A 229 -8.93 0.09 -0.06
N GLY A 230 -7.61 0.24 -0.05
CA GLY A 230 -6.85 0.27 -1.30
C GLY A 230 -5.37 0.18 -0.99
N ILE A 231 -4.58 0.16 -2.05
CA ILE A 231 -3.13 0.09 -1.94
C ILE A 231 -2.56 1.27 -2.71
N MET A 232 -2.07 2.28 -1.99
CA MET A 232 -1.43 3.42 -2.62
C MET A 232 0.08 3.27 -2.53
N GLY A 233 0.78 3.91 -3.45
CA GLY A 233 2.23 3.79 -3.53
C GLY A 233 2.95 5.11 -3.62
N ILE A 234 3.88 5.31 -2.70
CA ILE A 234 4.72 6.51 -2.65
C ILE A 234 6.06 6.15 -3.28
N GLU A 235 6.43 6.89 -4.32
CA GLU A 235 7.64 6.62 -5.08
C GLU A 235 8.66 7.71 -4.79
N ILE A 236 9.90 7.29 -4.54
CA ILE A 236 11.00 8.19 -4.24
C ILE A 236 12.11 7.90 -5.25
N TYR A 237 12.37 8.85 -6.14
CA TYR A 237 13.41 8.72 -7.15
C TYR A 237 14.68 9.37 -6.65
N TRP A 238 15.82 8.81 -7.04
CA TRP A 238 17.13 9.37 -6.70
C TRP A 238 18.02 9.38 -7.95
N ASP A 239 17.97 10.48 -8.69
CA ASP A 239 18.96 10.74 -9.74
C ASP A 239 20.16 11.38 -9.07
N CYS A 240 21.25 10.63 -8.94
CA CYS A 240 22.41 11.06 -8.16
C CYS A 240 23.65 11.11 -9.04
N ASN A 241 24.32 12.26 -9.00
CA ASN A 241 25.52 12.53 -9.78
C ASN A 241 26.68 12.78 -8.83
N LEU A 242 27.79 12.07 -9.03
CA LEU A 242 28.96 12.16 -8.15
C LEU A 242 30.19 12.44 -9.03
N ASP A 243 30.47 13.72 -9.26
CA ASP A 243 31.59 14.10 -10.10
C ASP A 243 32.40 15.24 -9.48
N GLY A 244 31.72 16.35 -9.15
CA GLY A 244 32.40 17.54 -8.72
C GLY A 244 32.22 18.67 -9.73
N TRP A 245 32.42 18.36 -11.01
CA TRP A 245 32.10 19.32 -12.06
C TRP A 245 30.62 19.61 -12.11
N PHE A 246 29.79 18.66 -11.69
CA PHE A 246 28.35 18.84 -11.54
C PHE A 246 27.87 17.85 -10.48
N HIS A 247 26.88 18.28 -9.68
CA HIS A 247 26.45 17.47 -8.55
C HIS A 247 24.96 17.70 -8.25
N HIS A 248 24.26 16.59 -7.97
CA HIS A 248 22.84 16.59 -7.62
C HIS A 248 22.40 15.20 -7.21
N CYS A 249 21.87 15.04 -5.99
CA CYS A 249 21.54 13.74 -5.43
C CYS A 249 20.45 13.94 -4.38
N ARG A 250 19.25 14.24 -4.84
CA ARG A 250 18.09 14.51 -4.00
C ARG A 250 16.90 13.73 -4.53
N PRO A 251 15.88 13.51 -3.71
CA PRO A 251 14.77 12.65 -4.11
C PRO A 251 13.69 13.40 -4.88
N LYS A 252 12.92 12.63 -5.64
CA LYS A 252 11.76 13.12 -6.37
C LYS A 252 10.56 12.31 -5.93
N TYR A 253 9.60 12.96 -5.28
CA TYR A 253 8.43 12.29 -4.75
C TYR A 253 7.33 12.25 -5.80
N SER A 254 6.86 11.05 -6.12
CA SER A 254 5.69 10.88 -6.97
C SER A 254 4.74 9.92 -6.28
N PHE A 255 3.50 9.88 -6.76
CA PHE A 255 2.48 9.05 -6.12
C PHE A 255 1.68 8.31 -7.19
N ARG A 256 1.48 7.02 -6.97
CA ARG A 256 0.82 6.13 -7.93
C ARG A 256 -0.09 5.17 -7.19
N ARG A 257 -1.32 5.00 -7.69
CA ARG A 257 -2.27 4.14 -7.00
C ARG A 257 -2.03 2.70 -7.46
N LEU A 258 -1.65 1.84 -6.51
CA LEU A 258 -1.17 0.50 -6.83
C LEU A 258 -2.31 -0.49 -7.04
N ASP A 259 -3.40 -0.36 -6.29
CA ASP A 259 -4.47 -1.34 -6.41
C ASP A 259 -5.13 -1.28 -7.78
N ASP A 260 -5.69 -2.41 -8.18
CA ASP A 260 -6.22 -2.61 -9.53
C ASP A 260 -7.56 -1.93 -9.79
N LYS A 261 -8.32 -1.62 -8.75
CA LYS A 261 -9.67 -1.06 -8.87
C LYS A 261 -10.55 -1.92 -9.77
N THR A 262 -10.58 -3.22 -9.49
CA THR A 262 -11.45 -4.12 -10.26
C THR A 262 -12.92 -3.86 -9.96
N THR A 263 -13.27 -3.76 -8.68
CA THR A 263 -14.68 -3.72 -8.24
C THR A 263 -15.43 -4.95 -8.75
N SER A 264 -14.90 -6.13 -8.45
CA SER A 264 -15.51 -7.40 -8.79
C SER A 264 -15.48 -8.32 -7.58
N GLU A 265 -16.64 -8.84 -7.18
CA GLU A 265 -16.73 -9.63 -5.96
C GLU A 265 -15.89 -10.90 -6.02
N SER A 266 -15.52 -11.35 -7.22
CA SER A 266 -14.70 -12.54 -7.37
C SER A 266 -13.21 -12.28 -7.13
N LEU A 267 -12.75 -11.04 -7.29
CA LEU A 267 -11.32 -10.73 -7.22
C LEU A 267 -10.92 -10.08 -5.90
N TYR A 268 -11.81 -10.06 -4.91
CA TYR A 268 -11.51 -9.52 -3.59
C TYR A 268 -11.02 -8.08 -3.70
N PRO A 269 -11.89 -7.14 -4.05
CA PRO A 269 -11.45 -5.78 -4.34
C PRO A 269 -11.13 -5.00 -3.07
N GLY A 270 -10.39 -3.91 -3.26
CA GLY A 270 -9.96 -3.10 -2.15
C GLY A 270 -8.91 -3.80 -1.31
N TYR A 271 -8.65 -3.20 -0.15
CA TYR A 271 -7.71 -3.75 0.83
C TYR A 271 -8.45 -3.96 2.15
N ASN A 272 -8.50 -5.20 2.59
CA ASN A 272 -9.19 -5.57 3.82
C ASN A 272 -8.68 -6.93 4.28
N PHE A 273 -8.73 -7.15 5.59
CA PHE A 273 -8.28 -8.42 6.14
C PHE A 273 -9.05 -8.72 7.42
N ARG A 274 -8.90 -9.94 7.92
CA ARG A 274 -9.63 -10.40 9.09
C ARG A 274 -8.66 -10.49 10.27
N TYR A 275 -8.84 -9.60 11.24
CA TYR A 275 -8.01 -9.51 12.43
C TYR A 275 -8.77 -10.10 13.61
N ALA A 276 -8.12 -10.95 14.38
CA ALA A 276 -8.77 -11.69 15.46
C ALA A 276 -8.22 -11.24 16.81
N LYS A 277 -9.14 -11.06 17.78
CA LYS A 277 -8.80 -10.71 19.16
C LYS A 277 -9.39 -11.77 20.08
N TYR A 278 -8.55 -12.63 20.61
CA TYR A 278 -9.00 -13.76 21.41
C TYR A 278 -9.09 -13.37 22.88
N TYR A 279 -10.11 -13.90 23.57
CA TYR A 279 -10.24 -13.69 25.01
C TYR A 279 -11.00 -14.88 25.59
N LYS A 280 -11.28 -14.80 26.89
CA LYS A 280 -12.00 -15.85 27.61
C LYS A 280 -13.12 -15.21 28.42
N GLU A 281 -14.31 -15.80 28.35
CA GLU A 281 -15.46 -15.25 29.05
C GLU A 281 -16.34 -16.37 29.57
N ASN A 282 -16.70 -16.30 30.86
CA ASN A 282 -17.51 -17.32 31.52
C ASN A 282 -16.90 -18.71 31.33
N ASN A 283 -15.57 -18.78 31.43
CA ASN A 283 -14.82 -20.03 31.25
C ASN A 283 -15.08 -20.63 29.88
N VAL A 284 -15.20 -19.78 28.86
CA VAL A 284 -15.35 -20.20 27.47
C VAL A 284 -14.34 -19.45 26.63
N GLU A 285 -13.69 -20.18 25.72
CA GLU A 285 -12.76 -19.57 24.78
C GLU A 285 -13.56 -18.81 23.71
N LYS A 286 -13.29 -17.51 23.60
CA LYS A 286 -14.05 -16.65 22.71
C LYS A 286 -13.11 -15.82 21.84
N ARG A 287 -13.68 -15.23 20.79
CA ARG A 287 -12.94 -14.51 19.78
C ARG A 287 -13.79 -13.35 19.26
N THR A 288 -13.13 -12.23 18.95
CA THR A 288 -13.76 -11.09 18.30
C THR A 288 -13.08 -10.90 16.94
N LEU A 289 -13.86 -11.06 15.87
CA LEU A 289 -13.37 -10.95 14.51
C LEU A 289 -13.67 -9.55 13.98
N ILE A 290 -12.63 -8.81 13.65
CA ILE A 290 -12.75 -7.46 13.10
C ILE A 290 -12.31 -7.52 11.64
N LYS A 291 -13.22 -7.19 10.73
CA LYS A 291 -12.89 -7.03 9.32
C LYS A 291 -12.38 -5.60 9.13
N VAL A 292 -11.11 -5.48 8.77
CA VAL A 292 -10.40 -4.20 8.72
C VAL A 292 -10.28 -3.76 7.27
N PHE A 293 -10.66 -2.52 7.01
CA PHE A 293 -10.53 -1.88 5.71
C PHE A 293 -9.61 -0.68 5.86
N GLY A 294 -8.60 -0.59 5.00
CA GLY A 294 -7.68 0.52 5.11
C GLY A 294 -6.80 0.61 3.87
N ILE A 295 -6.01 1.67 3.81
CA ILE A 295 -5.13 1.94 2.68
C ILE A 295 -3.70 1.61 3.11
N ARG A 296 -3.10 0.64 2.43
CA ARG A 296 -1.68 0.33 2.61
C ARG A 296 -0.86 1.23 1.69
N PHE A 297 0.17 1.88 2.26
CA PHE A 297 1.06 2.72 1.49
C PHE A 297 2.40 2.01 1.32
N ASP A 298 2.76 1.71 0.07
CA ASP A 298 4.05 1.09 -0.24
C ASP A 298 5.03 2.19 -0.63
N ILE A 299 6.14 2.28 0.10
CA ILE A 299 7.18 3.26 -0.18
C ILE A 299 8.21 2.59 -1.08
N LEU A 300 8.27 3.02 -2.33
CA LEU A 300 9.15 2.43 -3.34
C LEU A 300 10.28 3.41 -3.61
N VAL A 301 11.52 2.99 -3.34
CA VAL A 301 12.70 3.82 -3.54
C VAL A 301 13.55 3.16 -4.62
N PHE A 302 13.91 3.95 -5.63
CA PHE A 302 14.72 3.46 -6.74
C PHE A 302 15.67 4.56 -7.16
N GLY A 303 16.95 4.22 -7.30
CA GLY A 303 17.94 5.24 -7.59
C GLY A 303 19.14 4.66 -8.32
N THR A 304 19.84 5.52 -9.04
CA THR A 304 21.03 5.15 -9.78
C THR A 304 22.12 6.18 -9.48
N GLY A 305 23.29 5.70 -9.07
CA GLY A 305 24.39 6.60 -8.76
C GLY A 305 25.56 6.52 -9.73
N GLY A 306 25.86 7.62 -10.40
CA GLY A 306 26.92 7.66 -11.39
C GLY A 306 28.16 8.37 -10.88
N LYS A 307 29.33 7.81 -11.21
CA LYS A 307 30.61 8.42 -10.84
C LYS A 307 31.65 8.04 -11.87
N PHE A 308 32.36 9.05 -12.39
CA PHE A 308 33.27 8.88 -13.53
C PHE A 308 34.18 7.67 -13.38
N ASN A 309 34.04 6.72 -14.29
CA ASN A 309 34.88 5.53 -14.34
C ASN A 309 35.75 5.61 -15.60
N VAL A 310 37.07 5.47 -15.41
CA VAL A 310 38.00 5.61 -16.53
C VAL A 310 37.76 4.52 -17.56
N ILE A 311 37.43 3.31 -17.10
CA ILE A 311 37.24 2.20 -18.03
C ILE A 311 36.01 2.41 -18.87
N GLN A 312 34.95 2.98 -18.28
CA GLN A 312 33.72 3.25 -19.04
C GLN A 312 33.96 4.30 -20.11
N LEU A 313 34.62 5.41 -19.75
CA LEU A 313 34.92 6.44 -20.73
C LEU A 313 35.80 5.91 -21.85
N ALA A 314 36.78 5.06 -21.50
CA ALA A 314 37.63 4.46 -22.52
C ALA A 314 36.87 3.50 -23.42
N VAL A 315 35.85 2.83 -22.87
CA VAL A 315 35.05 1.92 -23.69
C VAL A 315 34.14 2.71 -24.63
N TYR A 316 33.57 3.81 -24.15
CA TYR A 316 32.79 4.68 -25.03
C TYR A 316 33.68 5.24 -26.15
N ILE A 317 34.88 5.71 -25.79
CA ILE A 317 35.84 6.16 -26.80
C ILE A 317 36.12 5.06 -27.79
N GLY A 318 36.21 3.82 -27.29
CA GLY A 318 36.47 2.69 -28.18
C GLY A 318 35.34 2.41 -29.14
N SER A 319 34.10 2.62 -28.70
CA SER A 319 32.98 2.50 -29.63
C SER A 319 32.84 3.72 -30.54
N VAL A 320 33.45 4.83 -30.18
CA VAL A 320 33.29 6.06 -30.95
C VAL A 320 34.34 6.20 -32.05
N ILE A 321 35.58 5.78 -31.81
CA ILE A 321 36.61 5.90 -32.83
C ILE A 321 36.41 4.92 -33.97
N SER A 322 35.68 3.82 -33.74
CA SER A 322 35.33 2.94 -34.85
C SER A 322 34.31 3.61 -35.75
N TYR A 323 33.29 4.25 -35.17
CA TYR A 323 32.40 5.10 -35.94
C TYR A 323 33.15 6.25 -36.59
N PHE A 324 34.31 6.62 -36.05
CA PHE A 324 35.18 7.60 -36.67
C PHE A 324 35.73 7.08 -37.98
N GLY A 325 36.53 6.01 -37.92
CA GLY A 325 37.14 5.48 -39.12
C GLY A 325 36.11 5.02 -40.14
N LEU A 326 35.14 4.23 -39.69
CA LEU A 326 34.08 3.77 -40.59
C LEU A 326 33.28 4.92 -41.16
N ALA A 327 33.03 5.95 -40.33
CA ALA A 327 32.38 7.15 -40.83
C ALA A 327 33.21 7.80 -41.94
N THR A 328 34.54 7.80 -41.78
CA THR A 328 35.40 8.33 -42.83
C THR A 328 35.32 7.48 -44.08
N VAL A 329 35.06 6.18 -43.94
CA VAL A 329 34.92 5.32 -45.11
C VAL A 329 33.59 5.57 -45.80
N PHE A 330 32.54 5.94 -45.04
CA PHE A 330 31.21 6.08 -45.62
C PHE A 330 31.13 7.24 -46.60
N ILE A 331 31.84 8.34 -46.32
CA ILE A 331 31.79 9.53 -47.16
C ILE A 331 32.35 9.22 -48.53
#